data_4GFV
#
_entry.id   4GFV
#
_cell.length_a   74.348
_cell.length_b   91.341
_cell.length_c   92.970
_cell.angle_alpha   90.00
_cell.angle_beta   90.00
_cell.angle_gamma   90.00
#
_symmetry.space_group_name_H-M   'P 21 21 21'
#
loop_
_entity.id
_entity.type
_entity.pdbx_description
1 polymer 'Tyrosine-protein phosphatase non-receptor type 18'
2 polymer 'HER2-pY1196 phosphor-peptide'
3 water water
#
loop_
_entity_poly.entity_id
_entity_poly.type
_entity_poly.pdbx_seq_one_letter_code
_entity_poly.pdbx_strand_id
1 'polypeptide(L)'
;AADSARSFLERLEARGGREGAVLAGEFSDIQACSAAWKADGVCSTVAGSRPENVRKNRYKDVLPYDQTRVILSLLQEEGH
SDYINGNFIRGVDGSLAYIATQGPLPHTLLDFWRLVWEFGVKVILMACREIENGRKRCERYWAQEQEPLQTGLFCITLIK
EKWLNEDIMLRTLKVTFQKESRSVYQLQYMSWPDRGVPSSPDHMLAMVEEARRLQGSGPEPLCVHSSAGCGRTGVLCTVD
YVRQLLLTQMIPPDFSLFDVVLKMRKQRPAAVQTEEQYRFLYHTVAQMFCSTLQNAS
;
A,B
2 'polypeptide(L)' PE(PTR)LTP E,F
#
# COMPACT_ATOMS: atom_id res chain seq x y z
N ASP A 3 2.14 -5.89 -18.38
CA ASP A 3 1.92 -7.31 -18.70
C ASP A 3 0.65 -7.85 -18.08
N SER A 4 0.51 -7.65 -16.79
CA SER A 4 -0.73 -7.87 -16.10
C SER A 4 -1.76 -6.94 -16.75
N ALA A 5 -1.33 -5.73 -16.96
CA ALA A 5 -2.08 -4.73 -17.62
C ALA A 5 -2.45 -5.15 -19.06
N ARG A 6 -1.45 -5.40 -19.88
CA ARG A 6 -1.66 -5.80 -21.25
C ARG A 6 -2.57 -7.03 -21.33
N SER A 7 -2.47 -7.88 -20.34
CA SER A 7 -3.26 -9.06 -20.23
C SER A 7 -4.74 -8.78 -20.02
N PHE A 8 -5.02 -7.91 -19.08
CA PHE A 8 -6.34 -7.40 -18.81
C PHE A 8 -6.91 -6.80 -20.04
N LEU A 9 -6.10 -6.00 -20.67
CA LEU A 9 -6.48 -5.40 -21.91
C LEU A 9 -6.81 -6.43 -22.98
N GLU A 10 -5.92 -7.41 -23.13
CA GLU A 10 -6.15 -8.47 -24.05
C GLU A 10 -7.47 -9.17 -23.78
N ARG A 11 -7.68 -9.55 -22.54
CA ARG A 11 -8.93 -10.12 -22.07
C ARG A 11 -10.16 -9.27 -22.43
N LEU A 12 -10.09 -7.97 -22.27
CA LEU A 12 -11.25 -7.12 -22.46
C LEU A 12 -11.61 -7.06 -23.93
N GLU A 13 -10.60 -6.77 -24.76
CA GLU A 13 -10.73 -6.76 -26.22
C GLU A 13 -11.28 -8.06 -26.75
N ALA A 14 -10.80 -9.16 -26.19
CA ALA A 14 -11.16 -10.48 -26.68
C ALA A 14 -12.65 -10.77 -26.45
N ARG A 15 -13.26 -10.11 -25.48
CA ARG A 15 -14.68 -10.37 -25.22
C ARG A 15 -15.57 -9.29 -25.82
N GLY A 16 -15.04 -8.54 -26.75
CA GLY A 16 -15.80 -7.52 -27.42
C GLY A 16 -15.82 -6.15 -26.77
N GLY A 17 -14.87 -5.92 -25.88
CA GLY A 17 -14.66 -4.63 -25.31
C GLY A 17 -15.76 -4.22 -24.36
N ARG A 18 -15.84 -2.91 -24.17
CA ARG A 18 -16.86 -2.22 -23.46
C ARG A 18 -18.27 -2.76 -23.50
N GLU A 19 -18.78 -3.02 -24.71
CA GLU A 19 -20.12 -3.54 -24.89
C GLU A 19 -20.23 -5.07 -25.00
N GLY A 20 -19.18 -5.77 -24.68
CA GLY A 20 -19.24 -7.20 -24.74
C GLY A 20 -20.37 -7.82 -23.96
N ALA A 21 -20.96 -8.87 -24.49
CA ALA A 21 -22.06 -9.51 -23.83
C ALA A 21 -21.70 -9.99 -22.44
N VAL A 22 -20.49 -10.48 -22.26
CA VAL A 22 -20.13 -11.04 -20.98
C VAL A 22 -20.15 -10.04 -19.83
N LEU A 23 -20.00 -8.78 -20.11
CA LEU A 23 -20.04 -7.77 -19.06
C LEU A 23 -21.41 -7.69 -18.39
N ALA A 24 -22.46 -7.85 -19.18
CA ALA A 24 -23.81 -7.86 -18.70
C ALA A 24 -24.00 -9.00 -17.72
N GLY A 25 -23.37 -10.13 -18.02
CA GLY A 25 -23.52 -11.35 -17.31
C GLY A 25 -22.79 -11.21 -16.03
N GLU A 26 -21.61 -10.66 -16.11
CA GLU A 26 -20.89 -10.30 -14.90
C GLU A 26 -21.72 -9.38 -14.02
N PHE A 27 -22.29 -8.31 -14.60
CA PHE A 27 -23.07 -7.39 -13.77
C PHE A 27 -24.30 -8.09 -13.19
N SER A 28 -24.98 -8.87 -14.03
CA SER A 28 -26.15 -9.61 -13.57
C SER A 28 -25.75 -10.47 -12.37
N ASP A 29 -24.57 -11.06 -12.47
CA ASP A 29 -24.07 -11.91 -11.41
C ASP A 29 -23.77 -11.12 -10.14
N ILE A 30 -23.24 -9.93 -10.26
CA ILE A 30 -23.02 -9.09 -9.10
C ILE A 30 -24.31 -8.78 -8.38
N GLN A 31 -25.36 -8.49 -9.13
CA GLN A 31 -26.64 -8.25 -8.57
C GLN A 31 -27.19 -9.45 -7.82
N ALA A 32 -27.07 -10.63 -8.41
CA ALA A 32 -27.40 -11.87 -7.75
C ALA A 32 -26.70 -12.06 -6.40
N CYS A 33 -25.41 -11.86 -6.36
CA CYS A 33 -24.68 -11.97 -5.12
C CYS A 33 -25.16 -10.95 -4.08
N SER A 34 -25.58 -9.79 -4.55
CA SER A 34 -26.15 -8.76 -3.67
C SER A 34 -27.41 -9.19 -2.96
N ALA A 35 -28.40 -9.67 -3.72
CA ALA A 35 -29.62 -10.18 -3.15
C ALA A 35 -29.32 -11.31 -2.16
N ALA A 36 -28.49 -12.22 -2.59
CA ALA A 36 -28.07 -13.30 -1.77
C ALA A 36 -27.49 -12.81 -0.45
N TRP A 37 -26.67 -11.78 -0.47
CA TRP A 37 -26.15 -11.22 0.76
C TRP A 37 -27.21 -10.68 1.72
N LYS A 38 -28.17 -9.98 1.18
CA LYS A 38 -29.28 -9.45 1.96
C LYS A 38 -30.03 -10.55 2.63
N ALA A 39 -30.37 -11.58 1.86
CA ALA A 39 -31.12 -12.70 2.33
C ALA A 39 -30.37 -13.44 3.37
N ASP A 40 -29.07 -13.57 3.20
CA ASP A 40 -28.26 -14.21 4.22
C ASP A 40 -27.93 -13.29 5.38
N GLY A 41 -28.37 -12.04 5.31
CA GLY A 41 -28.15 -11.15 6.40
C GLY A 41 -26.70 -10.74 6.61
N VAL A 42 -25.90 -10.97 5.59
CA VAL A 42 -24.53 -10.53 5.64
C VAL A 42 -24.47 -9.06 5.43
N CYS A 43 -25.50 -8.52 4.82
CA CYS A 43 -25.61 -7.12 4.63
C CYS A 43 -26.96 -6.70 5.12
N SER A 44 -27.01 -6.12 6.30
CA SER A 44 -28.26 -5.72 6.91
C SER A 44 -28.45 -4.21 7.07
N THR A 45 -29.65 -3.80 7.39
CA THR A 45 -29.97 -2.42 7.48
C THR A 45 -30.78 -2.13 8.68
N VAL A 46 -30.43 -2.78 9.77
CA VAL A 46 -31.14 -2.55 11.01
C VAL A 46 -31.10 -1.07 11.46
N ALA A 47 -29.89 -0.53 11.63
CA ALA A 47 -29.71 0.86 12.08
C ALA A 47 -30.41 1.88 11.18
N GLY A 48 -30.29 1.71 9.87
CA GLY A 48 -30.90 2.63 8.92
C GLY A 48 -32.42 2.64 9.03
N SER A 49 -32.96 1.54 9.56
CA SER A 49 -34.40 1.32 9.63
C SER A 49 -35.04 1.82 10.93
N ARG A 50 -34.21 2.07 11.93
CA ARG A 50 -34.70 2.57 13.21
C ARG A 50 -35.57 3.82 13.00
N PRO A 51 -36.67 3.93 13.77
CA PRO A 51 -37.55 5.09 13.73
C PRO A 51 -36.79 6.40 13.98
N GLU A 52 -35.72 6.38 14.78
CA GLU A 52 -34.95 7.60 15.04
C GLU A 52 -34.10 8.03 13.86
N ASN A 53 -33.85 7.10 12.95
CA ASN A 53 -32.86 7.29 11.90
C ASN A 53 -33.52 7.44 10.54
N VAL A 54 -34.73 6.91 10.40
CA VAL A 54 -35.43 6.92 9.11
C VAL A 54 -35.43 8.29 8.39
N ARG A 55 -35.58 9.37 9.16
CA ARG A 55 -35.65 10.70 8.57
C ARG A 55 -34.29 11.19 8.12
N LYS A 56 -33.24 10.44 8.44
CA LYS A 56 -31.88 10.84 8.09
C LYS A 56 -31.43 10.23 6.76
N ASN A 57 -32.32 9.44 6.16
CA ASN A 57 -32.05 8.86 4.85
C ASN A 57 -32.72 9.67 3.76
N ARG A 58 -31.96 10.08 2.77
CA ARG A 58 -32.51 10.79 1.65
C ARG A 58 -33.46 9.90 0.84
N TYR A 59 -33.08 8.66 0.63
CA TYR A 59 -33.90 7.70 -0.07
C TYR A 59 -34.28 6.54 0.80
N LYS A 60 -35.55 6.23 0.75
CA LYS A 60 -36.19 5.21 1.56
C LYS A 60 -35.74 3.78 1.21
N ASP A 61 -35.13 3.64 0.05
CA ASP A 61 -34.61 2.36 -0.36
C ASP A 61 -33.10 2.23 -0.33
N VAL A 62 -32.42 3.26 0.13
CA VAL A 62 -30.99 3.21 0.23
C VAL A 62 -30.55 3.42 1.68
N LEU A 63 -30.24 2.33 2.37
CA LEU A 63 -29.77 2.33 3.75
C LEU A 63 -28.40 1.73 3.90
N PRO A 64 -27.61 2.27 4.80
CA PRO A 64 -26.25 1.76 4.93
C PRO A 64 -26.28 0.37 5.54
N TYR A 65 -25.29 -0.44 5.19
CA TYR A 65 -25.17 -1.77 5.75
C TYR A 65 -24.65 -1.61 7.17
N ASP A 66 -25.24 -2.38 8.10
CA ASP A 66 -24.83 -2.39 9.50
C ASP A 66 -23.36 -2.75 9.64
N GLN A 67 -22.95 -3.77 8.92
CA GLN A 67 -21.58 -4.32 9.03
C GLN A 67 -20.45 -3.29 8.80
N THR A 68 -20.68 -2.32 7.92
CA THR A 68 -19.62 -1.39 7.56
C THR A 68 -20.01 0.06 7.83
N ARG A 69 -21.11 0.27 8.54
CA ARG A 69 -21.64 1.63 8.61
C ARG A 69 -20.74 2.52 9.45
N VAL A 70 -20.80 3.81 9.14
CA VAL A 70 -19.99 4.80 9.83
C VAL A 70 -20.66 5.17 11.14
N ILE A 71 -19.95 4.94 12.23
CA ILE A 71 -20.49 5.26 13.52
C ILE A 71 -19.83 6.54 14.06
N LEU A 72 -20.72 7.49 14.26
CA LEU A 72 -20.37 8.82 14.70
C LEU A 72 -20.42 8.87 16.21
N SER A 73 -19.34 9.33 16.78
CA SER A 73 -19.21 9.42 18.21
C SER A 73 -18.80 10.84 18.69
N LEU A 74 -18.40 11.69 17.76
CA LEU A 74 -18.19 13.08 18.06
C LEU A 74 -19.48 13.71 18.46
N LEU A 75 -19.43 14.40 19.57
CA LEU A 75 -20.56 15.03 20.24
C LEU A 75 -21.54 14.03 20.76
N GLN A 76 -21.13 12.78 20.77
CA GLN A 76 -21.84 11.71 21.43
C GLN A 76 -22.16 12.11 22.85
N GLU A 77 -21.12 12.46 23.59
CA GLU A 77 -21.19 13.09 24.91
C GLU A 77 -22.25 14.09 25.22
N GLU A 78 -22.96 14.53 24.20
CA GLU A 78 -23.95 15.54 24.35
C GLU A 78 -25.27 15.16 23.68
N GLY A 79 -25.53 13.89 23.64
CA GLY A 79 -26.76 13.40 23.10
C GLY A 79 -26.88 13.42 21.59
N HIS A 80 -25.79 13.38 20.85
CA HIS A 80 -25.90 13.29 19.41
C HIS A 80 -26.06 11.85 19.00
N SER A 81 -26.83 11.64 17.98
CA SER A 81 -26.96 10.28 17.46
C SER A 81 -25.69 9.81 16.75
N ASP A 82 -25.46 8.50 16.69
CA ASP A 82 -24.25 8.00 16.05
C ASP A 82 -24.49 7.81 14.57
N TYR A 83 -25.72 8.11 14.14
CA TYR A 83 -26.18 7.67 12.84
C TYR A 83 -25.91 8.66 11.72
N ILE A 84 -25.37 8.12 10.64
CA ILE A 84 -25.33 8.80 9.36
C ILE A 84 -25.41 7.75 8.23
N ASN A 85 -26.06 8.11 7.13
CA ASN A 85 -26.22 7.19 6.02
C ASN A 85 -24.94 7.15 5.23
N GLY A 86 -24.02 6.30 5.68
CA GLY A 86 -22.72 6.20 5.09
C GLY A 86 -22.03 4.94 5.54
N ASN A 87 -21.18 4.40 4.67
CA ASN A 87 -20.39 3.20 4.95
C ASN A 87 -18.92 3.39 4.70
N PHE A 88 -18.08 2.63 5.40
CA PHE A 88 -16.66 2.53 5.06
C PHE A 88 -16.43 1.56 3.91
N ILE A 89 -15.45 1.87 3.08
CA ILE A 89 -15.02 0.94 2.06
C ILE A 89 -13.52 0.78 2.17
N ARG A 90 -13.06 -0.47 2.16
CA ARG A 90 -11.63 -0.78 2.26
C ARG A 90 -10.80 -0.31 1.05
N GLY A 91 -9.61 0.22 1.33
CA GLY A 91 -8.65 0.50 0.30
C GLY A 91 -7.88 -0.74 -0.14
N VAL A 92 -7.04 -0.56 -1.16
CA VAL A 92 -6.18 -1.63 -1.67
C VAL A 92 -5.31 -2.27 -0.58
N ASP A 93 -4.90 -1.49 0.41
CA ASP A 93 -4.05 -2.03 1.49
C ASP A 93 -4.87 -2.55 2.69
N GLY A 94 -6.16 -2.78 2.47
CA GLY A 94 -7.03 -3.27 3.55
C GLY A 94 -7.51 -2.24 4.56
N SER A 95 -6.99 -1.02 4.48
CA SER A 95 -7.41 0.03 5.42
C SER A 95 -8.76 0.60 5.01
N LEU A 96 -9.35 1.39 5.89
CA LEU A 96 -10.57 2.12 5.59
C LEU A 96 -10.17 3.33 4.78
N ALA A 97 -10.18 3.18 3.47
CA ALA A 97 -9.67 4.25 2.61
C ALA A 97 -10.76 5.20 2.09
N TYR A 98 -12.02 4.79 2.18
CA TYR A 98 -13.11 5.62 1.67
C TYR A 98 -14.27 5.61 2.63
N ILE A 99 -14.90 6.76 2.73
CA ILE A 99 -16.25 6.84 3.23
C ILE A 99 -17.17 7.14 2.04
N ALA A 100 -18.11 6.23 1.80
CA ALA A 100 -19.19 6.40 0.82
C ALA A 100 -20.45 6.82 1.58
N THR A 101 -21.02 7.95 1.18
CA THR A 101 -22.15 8.50 1.91
C THR A 101 -23.10 9.26 1.00
N GLN A 102 -24.30 9.51 1.49
CA GLN A 102 -25.29 10.20 0.70
C GLN A 102 -25.03 11.73 0.60
N GLY A 103 -25.76 12.38 -0.28
CA GLY A 103 -25.86 13.85 -0.26
C GLY A 103 -26.61 14.32 0.99
N PRO A 104 -25.92 15.08 1.86
CA PRO A 104 -26.48 15.55 3.13
C PRO A 104 -27.81 16.27 2.95
N LEU A 105 -28.70 16.07 3.92
CA LEU A 105 -29.98 16.75 3.94
C LEU A 105 -29.81 18.00 4.81
N PRO A 106 -30.82 18.89 4.80
CA PRO A 106 -30.67 20.09 5.63
C PRO A 106 -30.44 19.75 7.09
N HIS A 107 -31.15 18.74 7.58
CA HIS A 107 -31.02 18.34 8.97
C HIS A 107 -29.92 17.31 9.25
N THR A 108 -29.13 16.94 8.22
CA THR A 108 -28.00 16.02 8.45
C THR A 108 -26.67 16.71 8.16
N LEU A 109 -26.76 17.96 7.70
CA LEU A 109 -25.60 18.80 7.46
C LEU A 109 -24.59 18.71 8.60
N LEU A 110 -25.09 18.80 9.82
CA LEU A 110 -24.23 18.79 10.99
C LEU A 110 -23.55 17.44 11.11
N ASP A 111 -24.28 16.39 10.77
CA ASP A 111 -23.80 15.01 10.91
C ASP A 111 -22.73 14.74 9.88
N PHE A 112 -22.92 15.31 8.70
CA PHE A 112 -21.90 15.25 7.67
C PHE A 112 -20.59 15.80 8.17
N TRP A 113 -20.63 16.96 8.82
CA TRP A 113 -19.43 17.62 9.29
C TRP A 113 -18.83 16.91 10.49
N ARG A 114 -19.68 16.30 11.30
CA ARG A 114 -19.20 15.48 12.39
C ARG A 114 -18.35 14.36 11.82
N LEU A 115 -18.83 13.82 10.71
CA LEU A 115 -18.16 12.72 10.04
C LEU A 115 -16.82 13.21 9.54
N VAL A 116 -16.84 14.36 8.86
CA VAL A 116 -15.61 14.89 8.29
C VAL A 116 -14.58 15.20 9.38
N TRP A 117 -15.04 15.72 10.50
CA TRP A 117 -14.14 16.04 11.60
C TRP A 117 -13.65 14.78 12.31
N GLU A 118 -14.58 13.89 12.67
CA GLU A 118 -14.21 12.76 13.53
C GLU A 118 -13.13 11.91 12.85
N PHE A 119 -13.28 11.68 11.55
CA PHE A 119 -12.34 10.82 10.84
C PHE A 119 -11.20 11.55 10.15
N GLY A 120 -11.11 12.86 10.39
CA GLY A 120 -10.00 13.66 9.88
C GLY A 120 -9.92 13.72 8.37
N VAL A 121 -11.06 13.65 7.72
CA VAL A 121 -11.15 13.73 6.26
C VAL A 121 -10.52 15.03 5.76
N LYS A 122 -9.66 14.92 4.75
CA LYS A 122 -8.99 16.06 4.13
C LYS A 122 -9.59 16.36 2.77
N VAL A 123 -10.22 15.35 2.17
CA VAL A 123 -10.75 15.50 0.83
C VAL A 123 -12.13 14.86 0.67
N ILE A 124 -13.03 15.60 0.03
CA ILE A 124 -14.37 15.14 -0.26
C ILE A 124 -14.52 15.21 -1.76
N LEU A 125 -15.04 14.13 -2.33
CA LEU A 125 -15.38 14.10 -3.74
C LEU A 125 -16.88 13.99 -3.83
N MET A 126 -17.49 14.97 -4.48
CA MET A 126 -18.92 15.00 -4.71
C MET A 126 -19.21 14.77 -6.18
N ALA A 127 -20.04 13.78 -6.46
CA ALA A 127 -20.30 13.37 -7.82
C ALA A 127 -21.69 13.77 -8.32
N CYS A 128 -22.35 14.68 -7.62
CA CYS A 128 -23.68 15.12 -8.02
C CYS A 128 -23.74 16.63 -7.94
N ARG A 129 -24.90 17.17 -8.20
CA ARG A 129 -25.18 18.57 -8.07
C ARG A 129 -26.27 18.76 -7.03
N GLU A 130 -26.38 19.92 -6.43
CA GLU A 130 -27.49 20.23 -5.52
C GLU A 130 -28.86 20.08 -6.17
N ILE A 131 -28.97 20.48 -7.40
CA ILE A 131 -30.18 20.37 -8.18
C ILE A 131 -29.94 19.60 -9.47
N GLU A 132 -30.68 18.54 -9.68
CA GLU A 132 -30.60 17.82 -10.92
C GLU A 132 -31.99 17.62 -11.51
N ASN A 133 -32.14 18.06 -12.74
CA ASN A 133 -33.40 18.11 -13.43
C ASN A 133 -34.35 18.90 -12.54
N GLY A 134 -35.36 18.25 -12.02
CA GLY A 134 -36.17 18.84 -10.98
C GLY A 134 -35.36 19.64 -9.95
N ARG A 135 -34.66 18.98 -9.06
CA ARG A 135 -35.06 18.36 -7.86
C ARG A 135 -33.86 18.58 -6.99
N LYS A 136 -34.06 18.65 -5.70
CA LYS A 136 -32.97 18.80 -4.83
C LYS A 136 -32.41 17.42 -4.52
N ARG A 137 -31.12 17.28 -4.76
CA ARG A 137 -30.42 16.05 -4.67
C ARG A 137 -29.28 16.04 -3.62
N CYS A 138 -28.84 17.20 -3.18
CA CYS A 138 -27.86 17.30 -2.11
C CYS A 138 -27.88 18.73 -1.54
N GLU A 139 -27.78 18.86 -0.21
CA GLU A 139 -27.77 20.18 0.42
C GLU A 139 -26.38 20.76 0.28
N ARG A 140 -26.29 22.07 0.06
CA ARG A 140 -24.98 22.69 0.04
C ARG A 140 -24.43 22.61 1.44
N TYR A 141 -23.27 21.99 1.59
CA TYR A 141 -22.68 21.88 2.91
C TYR A 141 -21.37 22.65 2.94
N TRP A 142 -21.03 23.26 1.83
CA TRP A 142 -19.84 24.08 1.77
C TRP A 142 -20.20 25.58 1.93
N ALA A 143 -19.22 26.37 2.22
CA ALA A 143 -19.35 27.79 2.36
C ALA A 143 -19.14 28.39 1.00
N GLN A 144 -19.73 29.54 0.87
CA GLN A 144 -19.70 30.33 -0.34
C GLN A 144 -18.92 31.58 -0.07
N GLU A 145 -18.16 32.00 -1.04
CA GLU A 145 -17.34 33.19 -0.99
C GLU A 145 -17.52 34.23 0.16
N GLN A 146 -18.67 34.86 0.25
CA GLN A 146 -18.88 35.90 1.19
C GLN A 146 -19.96 35.46 2.13
N GLU A 147 -19.82 34.23 2.60
CA GLU A 147 -20.89 33.39 3.07
C GLU A 147 -20.40 32.17 3.87
N PRO A 148 -19.93 32.43 5.16
CA PRO A 148 -19.70 31.23 5.97
C PRO A 148 -20.90 30.32 5.99
N LEU A 149 -20.67 29.09 6.40
CA LEU A 149 -21.72 28.15 6.71
C LEU A 149 -21.51 27.64 8.13
N GLN A 150 -22.56 27.69 8.89
CA GLN A 150 -22.47 27.38 10.30
C GLN A 150 -23.49 26.31 10.66
N THR A 151 -23.05 25.18 11.21
CA THR A 151 -23.95 24.18 11.78
C THR A 151 -23.36 23.73 13.04
N GLY A 152 -24.18 23.68 14.07
CA GLY A 152 -23.72 23.40 15.38
C GLY A 152 -22.51 24.23 15.72
N LEU A 153 -21.49 23.55 16.17
CA LEU A 153 -20.26 24.20 16.56
C LEU A 153 -19.28 24.39 15.41
N PHE A 154 -19.67 23.92 14.22
CA PHE A 154 -18.81 24.04 13.04
C PHE A 154 -19.06 25.33 12.26
N CYS A 155 -17.96 25.93 11.82
CA CYS A 155 -18.04 27.07 10.93
C CYS A 155 -17.17 26.76 9.72
N ILE A 156 -17.81 26.75 8.56
CA ILE A 156 -17.09 26.49 7.31
C ILE A 156 -16.87 27.79 6.56
N THR A 157 -15.65 28.01 6.09
CA THR A 157 -15.32 29.18 5.32
C THR A 157 -14.72 28.80 3.99
N LEU A 158 -15.22 29.40 2.94
CA LEU A 158 -14.57 29.26 1.68
C LEU A 158 -13.33 30.14 1.63
N ILE A 159 -12.18 29.52 1.43
CA ILE A 159 -10.87 30.17 1.26
C ILE A 159 -10.50 30.48 -0.20
N LYS A 160 -10.71 29.53 -1.09
CA LYS A 160 -10.72 29.83 -2.51
C LYS A 160 -11.47 28.79 -3.25
N GLU A 161 -11.78 29.08 -4.49
CA GLU A 161 -12.36 28.12 -5.38
C GLU A 161 -12.01 28.37 -6.84
N LYS A 162 -11.75 27.30 -7.57
CA LYS A 162 -11.32 27.41 -8.92
C LYS A 162 -11.86 26.22 -9.69
N TRP A 163 -11.98 26.35 -10.99
CA TRP A 163 -12.41 25.24 -11.81
C TRP A 163 -11.17 24.57 -12.29
N LEU A 164 -10.97 23.38 -11.79
CA LEU A 164 -9.91 22.52 -12.15
C LEU A 164 -9.98 22.26 -13.63
N ASN A 165 -11.19 22.19 -14.15
CA ASN A 165 -11.51 22.02 -15.55
C ASN A 165 -13.03 22.19 -15.73
N GLU A 166 -13.50 22.01 -16.95
CA GLU A 166 -14.85 22.31 -17.31
C GLU A 166 -15.91 21.64 -16.40
N ASP A 167 -15.64 20.43 -15.92
CA ASP A 167 -16.65 19.66 -15.21
C ASP A 167 -16.35 19.56 -13.71
N ILE A 168 -15.23 20.13 -13.30
CA ILE A 168 -14.82 19.93 -11.92
C ILE A 168 -14.51 21.21 -11.21
N MET A 169 -15.21 21.45 -10.09
CA MET A 169 -14.88 22.55 -9.21
C MET A 169 -14.06 22.07 -8.03
N LEU A 170 -13.00 22.79 -7.71
CA LEU A 170 -12.26 22.59 -6.50
C LEU A 170 -12.48 23.71 -5.50
N ARG A 171 -13.01 23.36 -4.36
CA ARG A 171 -13.18 24.27 -3.28
C ARG A 171 -12.24 24.01 -2.11
N THR A 172 -11.45 25.00 -1.78
CA THR A 172 -10.66 25.01 -0.59
C THR A 172 -11.48 25.60 0.54
N LEU A 173 -11.66 24.80 1.57
CA LEU A 173 -12.42 25.14 2.75
C LEU A 173 -11.57 25.10 3.99
N LYS A 174 -11.82 26.01 4.91
CA LYS A 174 -11.36 25.89 6.26
C LYS A 174 -12.52 25.51 7.14
N VAL A 175 -12.29 24.62 8.07
CA VAL A 175 -13.31 24.26 9.02
C VAL A 175 -12.84 24.38 10.46
N THR A 176 -13.70 24.99 11.23
CA THR A 176 -13.42 25.33 12.58
C THR A 176 -14.34 24.71 13.57
N PHE A 177 -13.76 24.05 14.54
CA PHE A 177 -14.50 23.39 15.52
C PHE A 177 -13.71 23.43 16.80
N GLN A 178 -14.25 24.01 17.85
CA GLN A 178 -13.54 24.05 19.16
C GLN A 178 -12.17 24.70 19.17
N LYS A 179 -12.04 25.80 18.47
CA LYS A 179 -10.81 26.56 18.43
C LYS A 179 -9.77 25.93 17.58
N GLU A 180 -10.16 24.96 16.77
CA GLU A 180 -9.25 24.24 15.90
C GLU A 180 -9.63 24.47 14.45
N SER A 181 -8.66 24.66 13.57
CA SER A 181 -8.94 24.71 12.14
C SER A 181 -8.26 23.62 11.32
N ARG A 182 -8.88 23.25 10.22
CA ARG A 182 -8.39 22.19 9.37
C ARG A 182 -8.74 22.60 8.02
N SER A 183 -7.86 22.28 7.10
CA SER A 183 -8.12 22.48 5.74
C SER A 183 -8.87 21.30 5.18
N VAL A 184 -9.92 21.53 4.42
CA VAL A 184 -10.62 20.48 3.71
C VAL A 184 -10.85 20.91 2.26
N TYR A 185 -10.48 20.03 1.34
CA TYR A 185 -10.65 20.29 -0.09
C TYR A 185 -11.83 19.49 -0.57
N GLN A 186 -12.68 20.12 -1.36
CA GLN A 186 -13.85 19.48 -1.92
C GLN A 186 -13.74 19.55 -3.43
N LEU A 187 -13.94 18.41 -4.07
CA LEU A 187 -13.98 18.34 -5.51
C LEU A 187 -15.41 18.00 -5.90
N GLN A 188 -15.99 18.76 -6.83
CA GLN A 188 -17.34 18.48 -7.28
C GLN A 188 -17.38 18.29 -8.77
N TYR A 189 -17.87 17.12 -9.18
CA TYR A 189 -18.03 16.86 -10.58
C TYR A 189 -19.42 17.32 -10.97
N MET A 190 -19.50 18.15 -12.01
CA MET A 190 -20.75 18.86 -12.31
C MET A 190 -21.71 18.17 -13.25
N SER A 191 -21.22 17.21 -14.02
CA SER A 191 -22.01 16.74 -15.17
C SER A 191 -22.05 15.21 -15.29
N TRP A 192 -22.30 14.60 -14.19
CA TRP A 192 -22.36 13.20 -14.09
C TRP A 192 -23.73 12.86 -13.63
N PRO A 193 -24.46 12.25 -14.64
CA PRO A 193 -25.83 11.92 -14.25
C PRO A 193 -25.91 10.65 -13.54
N ASP A 194 -26.84 10.66 -12.65
CA ASP A 194 -27.18 9.55 -11.88
C ASP A 194 -27.66 8.37 -12.77
N ARG A 195 -27.22 7.16 -12.44
CA ARG A 195 -27.38 5.94 -13.25
C ARG A 195 -26.50 5.90 -14.47
N GLY A 196 -25.84 7.00 -14.73
CA GLY A 196 -25.04 7.17 -15.90
C GLY A 196 -23.58 7.37 -15.65
N VAL A 197 -22.93 7.84 -16.69
CA VAL A 197 -21.51 8.00 -16.75
C VAL A 197 -21.09 9.35 -17.36
N PRO A 198 -20.01 9.94 -16.83
CA PRO A 198 -19.50 11.22 -17.35
C PRO A 198 -19.49 11.30 -18.86
N PRO A 201 -14.78 11.06 -19.22
CA PRO A 201 -13.92 10.09 -18.55
C PRO A 201 -12.54 10.64 -18.19
N ASP A 202 -12.01 11.53 -19.03
CA ASP A 202 -10.72 12.14 -18.79
C ASP A 202 -10.76 13.00 -17.51
N HIS A 203 -11.81 13.78 -17.39
CA HIS A 203 -11.92 14.69 -16.24
C HIS A 203 -12.16 13.98 -14.91
N MET A 204 -12.91 12.89 -14.95
CA MET A 204 -13.07 12.08 -13.77
C MET A 204 -11.71 11.64 -13.26
N LEU A 205 -10.83 11.25 -14.19
CA LEU A 205 -9.49 10.79 -13.84
C LEU A 205 -8.67 11.95 -13.31
N ALA A 206 -8.89 13.13 -13.87
CA ALA A 206 -8.23 14.33 -13.35
C ALA A 206 -8.75 14.63 -11.95
N MET A 207 -10.02 14.31 -11.71
CA MET A 207 -10.58 14.50 -10.38
C MET A 207 -9.89 13.61 -9.36
N VAL A 208 -9.73 12.33 -9.72
CA VAL A 208 -9.04 11.37 -8.88
C VAL A 208 -7.57 11.72 -8.63
N GLU A 209 -6.88 12.18 -9.66
CA GLU A 209 -5.48 12.53 -9.52
C GLU A 209 -5.37 13.72 -8.58
N GLU A 210 -6.11 14.77 -8.88
CA GLU A 210 -6.19 15.90 -7.98
C GLU A 210 -6.52 15.48 -6.53
N ALA A 211 -7.57 14.69 -6.32
CA ALA A 211 -7.89 14.23 -4.97
C ALA A 211 -6.67 13.58 -4.27
N ARG A 212 -6.04 12.66 -4.97
CA ARG A 212 -4.88 11.96 -4.52
C ARG A 212 -3.70 12.89 -4.24
N ARG A 213 -3.48 13.84 -5.12
CA ARG A 213 -2.47 14.95 -4.79
CA ARG A 213 -2.48 14.96 -4.80
C ARG A 213 -2.78 15.91 -3.50
N LEU A 214 -4.02 16.10 -3.15
CA LEU A 214 -4.40 16.89 -2.02
C LEU A 214 -4.37 16.10 -0.73
N GLN A 215 -4.68 14.85 -0.88
CA GLN A 215 -4.72 13.93 0.21
C GLN A 215 -3.32 13.69 0.76
N GLY A 216 -2.33 13.59 -0.09
CA GLY A 216 -0.99 13.28 0.35
C GLY A 216 -0.89 11.93 1.01
N SER A 217 0.03 11.82 1.94
CA SER A 217 0.15 10.63 2.73
C SER A 217 -0.96 10.70 3.72
N GLY A 218 -1.09 9.67 4.50
CA GLY A 218 -1.94 9.74 5.64
C GLY A 218 -3.09 8.85 5.49
N PRO A 219 -3.46 8.34 6.73
CA PRO A 219 -4.38 7.23 6.66
C PRO A 219 -5.85 7.61 6.55
N GLU A 220 -6.15 8.86 6.73
CA GLU A 220 -7.52 9.36 6.75
C GLU A 220 -8.26 8.98 5.48
N PRO A 221 -9.52 8.53 5.63
CA PRO A 221 -10.30 8.11 4.46
C PRO A 221 -10.67 9.28 3.57
N LEU A 222 -10.85 9.02 2.28
CA LEU A 222 -11.46 9.97 1.39
C LEU A 222 -12.97 9.93 1.64
N CYS A 223 -13.64 11.05 1.48
CA CYS A 223 -15.08 11.08 1.64
C CYS A 223 -15.65 11.19 0.23
N VAL A 224 -16.42 10.19 -0.17
CA VAL A 224 -16.99 10.16 -1.51
C VAL A 224 -18.52 10.14 -1.43
N HIS A 225 -19.19 11.13 -2.02
CA HIS A 225 -20.65 11.07 -2.04
C HIS A 225 -21.26 11.46 -3.35
N SER A 226 -22.50 11.04 -3.54
CA SER A 226 -23.30 11.48 -4.65
C SER A 226 -24.60 11.96 -4.04
N SER A 227 -25.74 11.64 -4.65
CA SER A 227 -27.03 11.96 -4.05
C SER A 227 -27.45 10.87 -3.05
N ALA A 228 -27.30 9.62 -3.45
CA ALA A 228 -27.60 8.53 -2.54
C ALA A 228 -26.31 7.92 -2.01
N GLY A 229 -25.22 8.19 -2.71
CA GLY A 229 -23.94 7.60 -2.36
C GLY A 229 -23.80 6.15 -2.80
N CYS A 230 -24.39 5.81 -3.94
CA CYS A 230 -24.27 4.46 -4.54
C CYS A 230 -23.55 4.48 -5.87
N GLY A 231 -24.30 4.74 -6.94
CA GLY A 231 -23.80 4.56 -8.28
C GLY A 231 -22.52 5.32 -8.56
N ARG A 232 -22.65 6.64 -8.58
CA ARG A 232 -21.55 7.51 -8.96
C ARG A 232 -20.43 7.46 -7.91
N THR A 233 -20.83 7.24 -6.66
CA THR A 233 -19.90 7.07 -5.55
C THR A 233 -19.02 5.82 -5.76
N GLY A 234 -19.67 4.69 -6.06
CA GLY A 234 -18.97 3.43 -6.25
C GLY A 234 -18.00 3.51 -7.41
N VAL A 235 -18.45 4.11 -8.50
CA VAL A 235 -17.58 4.30 -9.65
C VAL A 235 -16.31 5.02 -9.26
N LEU A 236 -16.46 6.17 -8.62
CA LEU A 236 -15.32 6.91 -8.11
C LEU A 236 -14.40 6.07 -7.23
N CYS A 237 -14.94 5.43 -6.21
CA CYS A 237 -14.11 4.61 -5.33
C CYS A 237 -13.39 3.50 -6.09
N THR A 238 -14.10 2.86 -7.00
CA THR A 238 -13.57 1.74 -7.73
C THR A 238 -12.40 2.20 -8.57
N VAL A 239 -12.59 3.33 -9.24
CA VAL A 239 -11.56 3.93 -10.08
C VAL A 239 -10.32 4.28 -9.27
N ASP A 240 -10.52 4.79 -8.08
CA ASP A 240 -9.37 5.15 -7.26
C ASP A 240 -8.63 3.92 -6.74
N TYR A 241 -9.41 2.96 -6.26
CA TYR A 241 -8.92 1.63 -5.89
C TYR A 241 -8.00 1.05 -6.99
N VAL A 242 -8.54 0.86 -8.19
CA VAL A 242 -7.78 0.29 -9.29
C VAL A 242 -6.56 1.14 -9.69
N ARG A 243 -6.70 2.46 -9.68
CA ARG A 243 -5.57 3.33 -9.96
C ARG A 243 -4.49 3.11 -8.90
N GLN A 244 -4.91 2.83 -7.68
CA GLN A 244 -3.99 2.60 -6.60
C GLN A 244 -3.27 1.27 -6.75
N LEU A 245 -3.97 0.26 -7.22
CA LEU A 245 -3.41 -1.02 -7.60
C LEU A 245 -2.35 -0.81 -8.63
N LEU A 246 -2.74 -0.15 -9.68
CA LEU A 246 -1.88 0.23 -10.75
C LEU A 246 -0.61 0.96 -10.37
N LEU A 247 -0.72 2.06 -9.65
CA LEU A 247 0.45 2.83 -9.25
C LEU A 247 1.43 1.98 -8.48
N THR A 248 0.93 1.17 -7.57
CA THR A 248 1.76 0.22 -6.92
C THR A 248 2.41 -0.81 -7.87
N GLN A 249 1.69 -1.28 -8.88
CA GLN A 249 2.10 -2.49 -9.59
C GLN A 249 1.81 -3.68 -8.69
N MET A 250 0.53 -3.94 -8.53
CA MET A 250 0.07 -5.07 -7.84
C MET A 250 -1.20 -5.57 -8.51
N ILE A 251 -1.25 -5.39 -9.82
CA ILE A 251 -2.34 -5.96 -10.58
C ILE A 251 -2.06 -7.39 -10.77
N PRO A 252 -2.98 -8.26 -10.17
CA PRO A 252 -2.59 -9.64 -10.27
C PRO A 252 -2.74 -10.11 -11.67
N PRO A 253 -2.21 -11.30 -11.85
CA PRO A 253 -2.30 -11.98 -13.15
C PRO A 253 -3.76 -12.22 -13.59
N ASP A 254 -4.62 -12.62 -12.67
CA ASP A 254 -6.00 -12.96 -12.97
C ASP A 254 -6.95 -11.79 -12.69
N PHE A 255 -6.44 -10.56 -12.83
CA PHE A 255 -7.16 -9.40 -12.30
C PHE A 255 -8.61 -9.28 -12.77
N SER A 256 -9.52 -9.20 -11.80
CA SER A 256 -10.95 -9.24 -12.07
C SER A 256 -11.68 -8.01 -11.58
N LEU A 257 -12.32 -7.30 -12.51
CA LEU A 257 -13.19 -6.19 -12.17
C LEU A 257 -14.45 -6.68 -11.44
N PHE A 258 -14.92 -7.86 -11.79
CA PHE A 258 -16.04 -8.50 -11.13
C PHE A 258 -15.81 -8.64 -9.64
N ASP A 259 -14.58 -8.90 -9.23
CA ASP A 259 -14.30 -9.15 -7.83
C ASP A 259 -14.11 -7.89 -7.04
N VAL A 260 -13.59 -6.87 -7.70
CA VAL A 260 -13.45 -5.54 -7.09
C VAL A 260 -14.85 -4.97 -6.79
N VAL A 261 -15.72 -4.98 -7.80
CA VAL A 261 -17.02 -4.35 -7.68
C VAL A 261 -17.82 -5.16 -6.68
N LEU A 262 -17.63 -6.47 -6.72
CA LEU A 262 -18.33 -7.36 -5.81
C LEU A 262 -18.00 -6.97 -4.37
N LYS A 263 -16.72 -6.71 -4.10
CA LYS A 263 -16.27 -6.31 -2.77
C LYS A 263 -16.85 -4.94 -2.38
N MET A 264 -16.89 -4.02 -3.33
CA MET A 264 -17.53 -2.71 -3.11
C MET A 264 -18.95 -2.89 -2.61
N ARG A 265 -19.73 -3.67 -3.38
CA ARG A 265 -21.16 -3.85 -3.19
C ARG A 265 -21.43 -4.46 -1.83
N LYS A 266 -20.39 -5.06 -1.29
CA LYS A 266 -20.50 -5.77 -0.04
C LYS A 266 -20.49 -4.73 1.06
N GLN A 267 -19.93 -3.56 0.75
CA GLN A 267 -19.64 -2.58 1.78
C GLN A 267 -20.52 -1.32 1.73
N ARG A 268 -21.09 -1.05 0.55
CA ARG A 268 -22.03 0.04 0.36
C ARG A 268 -23.06 -0.51 -0.61
N PRO A 269 -24.35 -0.42 -0.26
CA PRO A 269 -25.38 -0.85 -1.20
C PRO A 269 -25.23 -0.16 -2.58
N ALA A 270 -25.42 -0.96 -3.63
CA ALA A 270 -25.40 -0.48 -4.99
C ALA A 270 -24.17 0.33 -5.37
N ALA A 271 -23.04 0.10 -4.69
CA ALA A 271 -21.81 0.81 -5.00
C ALA A 271 -21.57 1.04 -6.52
N VAL A 272 -21.76 0.05 -7.36
CA VAL A 272 -21.82 0.39 -8.78
C VAL A 272 -23.23 0.03 -9.18
N GLN A 273 -23.98 0.99 -9.68
CA GLN A 273 -25.42 0.83 -9.68
C GLN A 273 -25.99 0.18 -10.92
N THR A 274 -25.47 0.56 -12.07
CA THR A 274 -26.01 0.09 -13.35
C THR A 274 -24.98 -0.62 -14.22
N GLU A 275 -25.53 -1.45 -15.08
CA GLU A 275 -24.73 -2.13 -16.08
C GLU A 275 -23.92 -1.10 -16.84
N GLU A 276 -24.53 0.05 -17.11
CA GLU A 276 -23.87 1.06 -17.93
C GLU A 276 -22.65 1.61 -17.21
N GLN A 277 -22.73 1.75 -15.91
CA GLN A 277 -21.63 2.19 -15.09
C GLN A 277 -20.55 1.11 -14.99
N TYR A 278 -20.99 -0.14 -14.99
CA TYR A 278 -20.09 -1.28 -14.99
C TYR A 278 -19.25 -1.35 -16.22
N ARG A 279 -19.85 -1.21 -17.39
CA ARG A 279 -19.12 -1.08 -18.64
C ARG A 279 -18.12 0.08 -18.63
N PHE A 280 -18.58 1.28 -18.33
CA PHE A 280 -17.76 2.46 -18.20
C PHE A 280 -16.52 2.17 -17.36
N LEU A 281 -16.69 1.46 -16.26
CA LEU A 281 -15.60 1.09 -15.39
C LEU A 281 -14.55 0.27 -16.07
N TYR A 282 -14.96 -0.73 -16.85
CA TYR A 282 -14.08 -1.56 -17.63
C TYR A 282 -13.22 -0.76 -18.56
N HIS A 283 -13.90 0.17 -19.21
CA HIS A 283 -13.35 1.08 -20.17
C HIS A 283 -12.37 2.05 -19.56
N THR A 284 -12.73 2.64 -18.45
CA THR A 284 -11.82 3.49 -17.75
C THR A 284 -10.54 2.77 -17.32
N VAL A 285 -10.71 1.59 -16.75
CA VAL A 285 -9.60 0.76 -16.40
C VAL A 285 -8.71 0.45 -17.60
N ALA A 286 -9.30 0.15 -18.73
CA ALA A 286 -8.51 -0.02 -19.95
C ALA A 286 -7.62 1.16 -20.28
N GLN A 287 -8.18 2.32 -20.22
CA GLN A 287 -7.51 3.53 -20.52
C GLN A 287 -6.36 3.78 -19.58
N MET A 288 -6.62 3.60 -18.31
CA MET A 288 -5.65 3.81 -17.29
C MET A 288 -4.47 2.92 -17.55
N PHE A 289 -4.72 1.79 -18.17
CA PHE A 289 -3.69 0.84 -18.47
C PHE A 289 -2.93 1.16 -19.75
N CYS A 290 -3.63 1.34 -20.86
CA CYS A 290 -3.06 1.85 -22.07
C CYS A 290 -2.47 3.22 -21.88
N SER B 4 5.42 17.54 -4.81
CA SER B 4 6.15 18.40 -3.88
C SER B 4 6.92 17.57 -2.85
N ALA B 5 8.15 17.96 -2.62
CA ALA B 5 9.18 17.13 -1.99
C ALA B 5 9.94 16.32 -3.00
N ARG B 6 10.80 16.96 -3.82
CA ARG B 6 10.92 18.41 -4.08
C ARG B 6 11.41 19.28 -2.93
N SER B 7 10.60 19.35 -1.88
CA SER B 7 10.99 20.00 -0.65
C SER B 7 12.28 19.35 -0.27
N PHE B 8 12.26 18.03 -0.24
CA PHE B 8 13.39 17.25 0.19
C PHE B 8 14.74 17.58 -0.46
N LEU B 9 14.74 17.68 -1.78
CA LEU B 9 15.91 17.96 -2.56
C LEU B 9 16.49 19.29 -2.20
N GLU B 10 15.66 20.32 -2.29
CA GLU B 10 15.89 21.71 -1.94
C GLU B 10 16.75 21.82 -0.74
N ARG B 11 16.34 21.12 0.29
CA ARG B 11 17.03 21.13 1.57
C ARG B 11 18.44 20.66 1.45
N LEU B 12 18.65 19.63 0.66
CA LEU B 12 19.95 19.05 0.52
C LEU B 12 20.81 19.85 -0.44
N GLU B 13 20.18 20.66 -1.29
CA GLU B 13 20.94 21.63 -2.02
C GLU B 13 21.35 22.78 -1.10
N ALA B 14 20.53 23.11 -0.12
CA ALA B 14 20.72 24.33 0.62
C ALA B 14 21.87 24.14 1.57
N ARG B 15 21.93 22.94 2.07
CA ARG B 15 23.06 22.49 2.76
C ARG B 15 24.00 21.95 1.74
N GLY B 16 24.75 22.84 1.17
CA GLY B 16 25.84 22.43 0.34
C GLY B 16 26.83 21.64 1.15
N GLY B 17 27.78 22.33 1.71
CA GLY B 17 28.88 21.66 2.32
C GLY B 17 28.32 20.82 3.40
N ARG B 18 28.04 21.44 4.53
CA ARG B 18 27.47 20.86 5.71
C ARG B 18 26.80 19.46 5.61
N GLU B 19 26.87 18.77 4.46
CA GLU B 19 26.22 17.48 4.31
C GLU B 19 26.97 16.42 5.03
N GLY B 20 28.28 16.42 4.88
CA GLY B 20 29.10 15.53 5.64
C GLY B 20 28.72 15.58 7.12
N ALA B 21 28.82 16.75 7.70
CA ALA B 21 28.48 16.96 9.07
C ALA B 21 27.13 16.40 9.55
N VAL B 22 26.04 16.81 8.94
CA VAL B 22 24.71 16.49 9.46
C VAL B 22 24.33 15.03 9.35
N LEU B 23 24.66 14.47 8.22
CA LEU B 23 24.40 13.06 7.98
C LEU B 23 25.10 12.15 8.98
N ALA B 24 26.32 12.53 9.37
CA ALA B 24 27.05 11.81 10.40
C ALA B 24 26.33 11.87 11.75
N GLY B 25 25.72 13.02 12.05
CA GLY B 25 25.04 13.22 13.31
C GLY B 25 23.78 12.38 13.33
N GLU B 26 23.02 12.43 12.24
CA GLU B 26 21.86 11.57 12.08
C GLU B 26 22.26 10.12 12.30
N PHE B 27 23.34 9.69 11.66
CA PHE B 27 23.71 8.29 11.80
C PHE B 27 24.13 7.98 13.23
N SER B 28 24.87 8.90 13.84
CA SER B 28 25.24 8.74 15.25
C SER B 28 23.99 8.57 16.11
N ASP B 29 22.97 9.34 15.78
CA ASP B 29 21.74 9.34 16.50
C ASP B 29 21.02 8.03 16.29
N ILE B 30 20.98 7.56 15.06
CA ILE B 30 20.38 6.23 14.82
C ILE B 30 21.05 5.13 15.65
N GLN B 31 22.36 5.19 15.78
CA GLN B 31 23.06 4.20 16.58
C GLN B 31 22.68 4.29 18.05
N ALA B 32 22.60 5.53 18.53
CA ALA B 32 22.18 5.83 19.89
C ALA B 32 20.82 5.21 20.19
N CYS B 33 19.86 5.41 19.30
CA CYS B 33 18.54 4.77 19.47
C CYS B 33 18.61 3.23 19.47
N SER B 34 19.43 2.69 18.58
CA SER B 34 19.69 1.27 18.56
C SER B 34 20.22 0.78 19.91
N ALA B 35 21.26 1.40 20.42
CA ALA B 35 21.78 1.05 21.71
C ALA B 35 20.66 1.12 22.72
N ALA B 36 19.94 2.20 22.69
CA ALA B 36 18.85 2.42 23.56
C ALA B 36 17.78 1.32 23.50
N TRP B 37 17.31 0.98 22.33
CA TRP B 37 16.41 -0.13 22.14
C TRP B 37 16.88 -1.44 22.75
N LYS B 38 18.13 -1.78 22.57
CA LYS B 38 18.70 -2.99 23.12
C LYS B 38 18.61 -2.97 24.64
N ALA B 39 18.96 -1.84 25.22
CA ALA B 39 18.90 -1.64 26.64
C ALA B 39 17.49 -1.66 27.18
N ASP B 40 16.54 -1.25 26.37
CA ASP B 40 15.16 -1.15 26.77
C ASP B 40 14.45 -2.50 26.67
N GLY B 41 15.02 -3.42 25.91
CA GLY B 41 14.36 -4.66 25.61
C GLY B 41 13.22 -4.51 24.64
N VAL B 42 13.25 -3.48 23.83
CA VAL B 42 12.29 -3.42 22.73
C VAL B 42 12.83 -4.22 21.53
N CYS B 43 14.13 -4.48 21.55
CA CYS B 43 14.78 -5.33 20.56
C CYS B 43 15.65 -6.33 21.31
N SER B 44 15.21 -7.58 21.37
CA SER B 44 15.91 -8.59 22.16
C SER B 44 16.28 -9.79 21.31
N THR B 45 17.24 -10.57 21.80
CA THR B 45 17.82 -11.68 21.03
C THR B 45 17.85 -12.96 21.85
N VAL B 46 16.75 -13.23 22.55
CA VAL B 46 16.61 -14.48 23.31
C VAL B 46 16.75 -15.75 22.45
N ALA B 47 15.88 -15.91 21.46
CA ALA B 47 15.89 -17.05 20.54
C ALA B 47 17.24 -17.31 19.84
N GLY B 48 17.87 -16.25 19.34
CA GLY B 48 19.16 -16.41 18.67
C GLY B 48 20.28 -16.86 19.60
N SER B 49 20.02 -16.77 20.90
CA SER B 49 21.02 -17.04 21.92
C SER B 49 20.87 -18.43 22.52
N ARG B 50 19.70 -19.05 22.31
CA ARG B 50 19.49 -20.41 22.77
C ARG B 50 20.64 -21.31 22.30
N PRO B 51 21.07 -22.23 23.18
CA PRO B 51 22.08 -23.23 22.83
C PRO B 51 21.75 -24.04 21.56
N GLU B 52 20.48 -24.33 21.30
CA GLU B 52 20.11 -25.09 20.10
C GLU B 52 20.30 -24.28 18.82
N ASN B 53 20.36 -22.96 18.95
CA ASN B 53 20.27 -22.05 17.81
C ASN B 53 21.59 -21.37 17.54
N VAL B 54 22.47 -21.31 18.53
CA VAL B 54 23.75 -20.61 18.39
C VAL B 54 24.57 -21.01 17.14
N ARG B 55 24.56 -22.31 16.81
CA ARG B 55 25.34 -22.81 15.69
C ARG B 55 24.69 -22.42 14.36
N LYS B 56 23.49 -21.91 14.40
CA LYS B 56 22.79 -21.51 13.19
C LYS B 56 23.00 -20.03 12.89
N ASN B 57 23.79 -19.39 13.72
CA ASN B 57 24.21 -18.06 13.44
C ASN B 57 25.58 -18.00 12.80
N ARG B 58 25.68 -17.21 11.73
CA ARG B 58 26.92 -17.08 11.02
C ARG B 58 27.88 -16.23 11.83
N TYR B 59 27.38 -15.22 12.45
CA TYR B 59 28.10 -14.34 13.32
C TYR B 59 27.60 -14.29 14.77
N LYS B 60 28.52 -14.38 15.72
CA LYS B 60 28.22 -14.40 17.15
C LYS B 60 27.52 -13.12 17.62
N ASP B 61 27.81 -12.02 16.96
CA ASP B 61 27.32 -10.71 17.31
C ASP B 61 26.12 -10.26 16.46
N VAL B 62 25.61 -11.13 15.66
CA VAL B 62 24.49 -10.74 14.81
C VAL B 62 23.38 -11.74 15.00
N LEU B 63 22.43 -11.42 15.86
CA LEU B 63 21.30 -12.30 16.15
C LEU B 63 20.03 -11.57 15.82
N PRO B 64 18.99 -12.30 15.35
CA PRO B 64 17.74 -11.66 14.94
C PRO B 64 17.00 -11.17 16.17
N TYR B 65 16.21 -10.12 15.99
CA TYR B 65 15.39 -9.61 17.08
C TYR B 65 14.21 -10.52 17.24
N ASP B 66 13.90 -10.84 18.50
CA ASP B 66 12.79 -11.71 18.86
C ASP B 66 11.48 -11.17 18.31
N GLN B 67 11.30 -9.86 18.46
CA GLN B 67 10.06 -9.20 18.09
C GLN B 67 9.65 -9.35 16.62
N THR B 68 10.62 -9.47 15.72
CA THR B 68 10.29 -9.52 14.30
C THR B 68 10.88 -10.77 13.63
N ARG B 69 11.34 -11.72 14.42
CA ARG B 69 12.07 -12.83 13.81
C ARG B 69 11.17 -13.73 13.00
N VAL B 70 11.75 -14.32 11.96
CA VAL B 70 11.04 -15.24 11.09
C VAL B 70 10.88 -16.60 11.78
N ILE B 71 9.65 -17.03 11.95
CA ILE B 71 9.39 -18.31 12.59
C ILE B 71 8.95 -19.32 11.55
N LEU B 72 9.76 -20.36 11.40
CA LEU B 72 9.46 -21.43 10.48
C LEU B 72 8.58 -22.49 11.11
N SER B 73 7.60 -22.90 10.35
CA SER B 73 6.69 -23.93 10.74
C SER B 73 6.71 -25.08 9.76
N LEU B 74 7.16 -24.82 8.55
CA LEU B 74 7.19 -25.84 7.52
C LEU B 74 7.98 -27.07 7.94
N LEU B 75 7.38 -28.24 7.83
CA LEU B 75 8.07 -29.48 8.17
C LEU B 75 8.47 -29.54 9.64
N GLN B 76 7.69 -28.94 10.50
CA GLN B 76 8.01 -28.95 11.91
C GLN B 76 7.64 -30.31 12.40
N GLU B 77 6.53 -30.80 11.89
CA GLU B 77 6.00 -32.10 12.20
C GLU B 77 6.93 -33.22 11.87
N GLU B 78 8.20 -32.89 11.84
CA GLU B 78 9.26 -33.81 11.60
C GLU B 78 10.49 -33.30 12.33
N GLY B 79 10.26 -32.50 13.34
CA GLY B 79 11.27 -32.21 14.31
C GLY B 79 12.20 -31.23 13.72
N HIS B 80 11.67 -30.37 12.90
CA HIS B 80 12.47 -29.25 12.42
C HIS B 80 12.28 -28.05 13.33
N SER B 81 13.40 -27.45 13.73
CA SER B 81 13.41 -26.23 14.52
C SER B 81 12.72 -25.06 13.78
N ASP B 82 12.18 -24.12 14.53
CA ASP B 82 11.53 -22.94 13.91
C ASP B 82 12.55 -21.85 13.59
N TYR B 83 13.81 -22.09 13.93
CA TYR B 83 14.77 -21.01 13.99
C TYR B 83 15.50 -20.80 12.68
N ILE B 84 15.59 -19.54 12.30
CA ILE B 84 16.51 -19.10 11.27
C ILE B 84 16.94 -17.65 11.60
N ASN B 85 18.18 -17.30 11.28
CA ASN B 85 18.68 -15.97 11.56
C ASN B 85 18.17 -15.02 10.51
N GLY B 86 16.97 -14.51 10.75
CA GLY B 86 16.28 -13.67 9.79
C GLY B 86 15.14 -12.93 10.46
N ASN B 87 14.84 -11.74 9.93
CA ASN B 87 13.74 -10.90 10.45
C ASN B 87 12.80 -10.41 9.37
N PHE B 88 11.55 -10.19 9.72
CA PHE B 88 10.63 -9.46 8.83
C PHE B 88 10.85 -7.97 8.90
N ILE B 89 10.75 -7.31 7.74
CA ILE B 89 10.72 -5.86 7.72
C ILE B 89 9.46 -5.40 6.99
N ARG B 90 8.78 -4.44 7.59
CA ARG B 90 7.54 -3.89 7.01
C ARG B 90 7.74 -3.09 5.72
N GLY B 91 6.82 -3.29 4.79
CA GLY B 91 6.80 -2.49 3.59
C GLY B 91 6.11 -1.16 3.82
N VAL B 92 6.13 -0.32 2.80
CA VAL B 92 5.47 0.97 2.84
C VAL B 92 3.99 0.90 3.21
N ASP B 93 3.32 -0.20 2.86
CA ASP B 93 1.89 -0.34 3.15
C ASP B 93 1.62 -1.07 4.46
N GLY B 94 2.66 -1.19 5.31
CA GLY B 94 2.53 -1.85 6.60
C GLY B 94 2.62 -3.38 6.57
N SER B 95 2.63 -3.94 5.37
CA SER B 95 2.70 -5.39 5.24
C SER B 95 4.13 -5.87 5.47
N LEU B 96 4.30 -7.17 5.66
CA LEU B 96 5.62 -7.79 5.73
C LEU B 96 6.14 -7.93 4.32
N ALA B 97 6.89 -6.94 3.90
CA ALA B 97 7.31 -6.85 2.50
C ALA B 97 8.70 -7.44 2.23
N TYR B 98 9.50 -7.61 3.28
CA TYR B 98 10.86 -8.10 3.18
C TYR B 98 11.16 -9.12 4.25
N ILE B 99 11.95 -10.11 3.85
CA ILE B 99 12.70 -10.91 4.78
C ILE B 99 14.17 -10.52 4.66
N ALA B 100 14.75 -10.08 5.77
CA ALA B 100 16.17 -9.81 5.86
C ALA B 100 16.79 -10.95 6.62
N THR B 101 17.76 -11.60 5.99
CA THR B 101 18.37 -12.78 6.58
C THR B 101 19.86 -12.93 6.23
N GLN B 102 20.58 -13.75 6.96
CA GLN B 102 22.02 -13.97 6.72
C GLN B 102 22.27 -14.82 5.49
N GLY B 103 23.52 -14.89 5.10
CA GLY B 103 24.05 -15.86 4.19
C GLY B 103 23.98 -17.26 4.79
N PRO B 104 23.13 -18.12 4.09
CA PRO B 104 23.00 -19.45 4.67
C PRO B 104 24.33 -20.18 4.90
N LEU B 105 24.35 -20.96 5.96
CA LEU B 105 25.42 -21.86 6.24
C LEU B 105 25.15 -23.24 5.63
N PRO B 106 26.26 -24.09 5.61
CA PRO B 106 26.01 -25.42 5.01
C PRO B 106 24.93 -26.19 5.76
N HIS B 107 24.87 -26.05 7.07
CA HIS B 107 23.87 -26.73 7.83
C HIS B 107 22.60 -25.90 7.97
N THR B 108 22.52 -24.73 7.40
CA THR B 108 21.27 -23.96 7.37
C THR B 108 20.61 -23.84 6.00
N LEU B 109 21.30 -24.30 4.95
CA LEU B 109 20.74 -24.39 3.64
C LEU B 109 19.27 -24.81 3.57
N LEU B 110 18.93 -25.83 4.31
CA LEU B 110 17.59 -26.37 4.34
C LEU B 110 16.62 -25.44 5.03
N ASP B 111 17.13 -24.71 5.99
CA ASP B 111 16.35 -23.75 6.70
C ASP B 111 16.03 -22.57 5.87
N PHE B 112 16.96 -22.19 5.04
CA PHE B 112 16.77 -21.22 4.02
C PHE B 112 15.66 -21.54 3.05
N TRP B 113 15.69 -22.73 2.47
CA TRP B 113 14.67 -23.15 1.55
C TRP B 113 13.30 -23.38 2.17
N ARG B 114 13.29 -23.71 3.44
CA ARG B 114 12.11 -23.80 4.23
C ARG B 114 11.47 -22.42 4.29
N LEU B 115 12.31 -21.43 4.47
CA LEU B 115 11.87 -20.07 4.58
C LEU B 115 11.29 -19.66 3.24
N VAL B 116 12.03 -19.94 2.18
CA VAL B 116 11.60 -19.53 0.86
C VAL B 116 10.27 -20.18 0.50
N TRP B 117 10.11 -21.44 0.84
CA TRP B 117 8.88 -22.16 0.53
C TRP B 117 7.71 -21.71 1.43
N GLU B 118 7.93 -21.67 2.73
CA GLU B 118 6.85 -21.40 3.66
C GLU B 118 6.17 -20.07 3.33
N PHE B 119 6.98 -19.05 3.02
CA PHE B 119 6.46 -17.70 2.80
C PHE B 119 6.20 -17.37 1.35
N GLY B 120 6.39 -18.36 0.48
CA GLY B 120 6.05 -18.20 -0.93
C GLY B 120 6.91 -17.18 -1.66
N VAL B 121 8.14 -17.00 -1.17
CA VAL B 121 9.07 -16.05 -1.77
C VAL B 121 9.29 -16.36 -3.26
N LYS B 122 9.16 -15.33 -4.09
CA LYS B 122 9.36 -15.45 -5.53
C LYS B 122 10.71 -14.86 -5.93
N VAL B 123 11.25 -13.99 -5.09
CA VAL B 123 12.48 -13.29 -5.43
C VAL B 123 13.42 -13.17 -4.25
N ILE B 124 14.69 -13.44 -4.51
CA ILE B 124 15.74 -13.34 -3.53
C ILE B 124 16.73 -12.35 -4.09
N LEU B 125 17.11 -11.38 -3.28
CA LEU B 125 18.20 -10.49 -3.61
C LEU B 125 19.36 -10.82 -2.70
N MET B 126 20.49 -11.15 -3.30
CA MET B 126 21.73 -11.43 -2.55
C MET B 126 22.73 -10.34 -2.82
N ALA B 127 23.24 -9.76 -1.74
CA ALA B 127 24.13 -8.62 -1.87
C ALA B 127 25.57 -8.95 -1.53
N CYS B 128 25.92 -10.23 -1.50
CA CYS B 128 27.29 -10.61 -1.22
C CYS B 128 27.75 -11.69 -2.19
N ARG B 129 28.97 -12.16 -2.00
CA ARG B 129 29.49 -13.29 -2.78
C ARG B 129 29.68 -14.46 -1.84
N GLU B 130 29.78 -15.66 -2.38
CA GLU B 130 30.10 -16.84 -1.61
C GLU B 130 31.45 -16.63 -0.98
N ILE B 131 32.34 -16.05 -1.72
CA ILE B 131 33.68 -15.80 -1.27
C ILE B 131 34.08 -14.35 -1.36
N GLU B 132 34.50 -13.81 -0.24
CA GLU B 132 34.97 -12.45 -0.19
C GLU B 132 36.39 -12.38 0.38
N ASN B 133 37.31 -11.97 -0.47
CA ASN B 133 38.74 -12.05 -0.21
C ASN B 133 39.15 -13.43 0.16
N GLY B 134 38.92 -14.31 -0.77
CA GLY B 134 38.99 -15.72 -0.56
C GLY B 134 38.52 -16.23 0.80
N ARG B 135 37.55 -15.59 1.44
CA ARG B 135 36.93 -16.17 2.64
C ARG B 135 35.41 -16.42 2.46
N LYS B 136 34.91 -17.47 3.07
CA LYS B 136 33.56 -17.92 2.86
C LYS B 136 32.53 -17.07 3.56
N ARG B 137 31.68 -16.45 2.78
CA ARG B 137 30.72 -15.50 3.30
C ARG B 137 29.25 -15.93 3.24
N CYS B 138 28.99 -16.85 2.35
CA CYS B 138 27.65 -17.36 2.15
C CYS B 138 27.73 -18.70 1.39
N GLU B 139 26.97 -19.70 1.83
CA GLU B 139 26.92 -20.99 1.14
C GLU B 139 26.11 -20.88 -0.13
N ARG B 140 26.57 -21.56 -1.19
CA ARG B 140 25.77 -21.55 -2.41
C ARG B 140 24.51 -22.32 -2.14
N TYR B 141 23.40 -21.66 -2.32
CA TYR B 141 22.13 -22.25 -2.07
C TYR B 141 21.37 -22.48 -3.34
N TRP B 142 21.93 -22.00 -4.44
CA TRP B 142 21.41 -22.22 -5.77
C TRP B 142 22.05 -23.38 -6.59
N ALA B 143 21.29 -23.85 -7.56
CA ALA B 143 21.73 -24.92 -8.43
C ALA B 143 22.67 -24.37 -9.48
N GLN B 144 23.46 -25.22 -10.09
CA GLN B 144 24.32 -24.82 -11.17
C GLN B 144 23.95 -25.64 -12.41
N GLU B 145 24.43 -25.25 -13.57
CA GLU B 145 24.20 -26.01 -14.77
C GLU B 145 24.56 -27.47 -14.68
N GLN B 146 23.62 -28.29 -15.03
CA GLN B 146 23.74 -29.71 -14.87
C GLN B 146 24.12 -30.13 -13.45
N GLU B 147 23.86 -29.29 -12.48
CA GLU B 147 24.24 -29.59 -11.12
C GLU B 147 23.10 -29.22 -10.22
N PRO B 148 21.98 -30.04 -10.33
CA PRO B 148 20.91 -29.71 -9.39
C PRO B 148 21.31 -29.68 -7.96
N LEU B 149 20.64 -28.88 -7.19
CA LEU B 149 20.92 -28.77 -5.81
C LEU B 149 19.82 -29.34 -4.89
N GLN B 150 20.28 -30.12 -3.94
CA GLN B 150 19.41 -30.85 -3.06
C GLN B 150 19.69 -30.65 -1.62
N THR B 151 18.67 -30.24 -0.91
CA THR B 151 18.67 -30.15 0.52
C THR B 151 17.37 -30.63 1.01
N GLY B 152 17.46 -31.55 1.92
CA GLY B 152 16.32 -32.24 2.42
C GLY B 152 15.53 -32.80 1.27
N LEU B 153 14.28 -32.45 1.26
CA LEU B 153 13.32 -32.90 0.28
C LEU B 153 13.26 -31.88 -0.85
N PHE B 154 13.99 -30.79 -0.74
CA PHE B 154 13.97 -29.75 -1.76
C PHE B 154 14.96 -30.01 -2.83
N CYS B 155 14.59 -29.71 -4.03
CA CYS B 155 15.48 -29.85 -5.17
C CYS B 155 15.46 -28.64 -6.05
N ILE B 156 16.63 -28.08 -6.22
CA ILE B 156 16.80 -26.83 -6.92
C ILE B 156 17.42 -27.07 -8.27
N THR B 157 16.74 -26.62 -9.31
CA THR B 157 17.20 -26.76 -10.65
C THR B 157 17.46 -25.40 -11.25
N LEU B 158 18.60 -25.25 -11.87
CA LEU B 158 18.89 -24.06 -12.60
C LEU B 158 18.23 -24.08 -13.96
N ILE B 159 17.30 -23.18 -14.17
CA ILE B 159 16.69 -22.95 -15.44
C ILE B 159 17.49 -22.11 -16.47
N LYS B 160 18.10 -21.00 -16.06
CA LYS B 160 18.90 -20.19 -16.97
C LYS B 160 19.78 -19.23 -16.18
N GLU B 161 20.79 -18.57 -16.72
CA GLU B 161 21.43 -17.69 -15.86
C GLU B 161 21.98 -16.69 -16.83
N LYS B 162 21.99 -15.45 -16.42
CA LYS B 162 22.42 -14.36 -17.26
C LYS B 162 22.95 -13.24 -16.42
N TRP B 163 23.87 -12.47 -16.96
CA TRP B 163 24.23 -11.24 -16.36
C TRP B 163 23.24 -10.18 -16.77
N LEU B 164 22.49 -9.71 -15.80
CA LEU B 164 21.60 -8.60 -15.97
C LEU B 164 22.40 -7.38 -16.39
N ASN B 165 23.57 -7.24 -15.80
CA ASN B 165 24.53 -6.22 -16.11
C ASN B 165 25.85 -6.62 -15.50
N GLU B 166 26.84 -5.79 -15.64
CA GLU B 166 28.18 -6.11 -15.22
C GLU B 166 28.30 -6.55 -13.74
N ASP B 167 27.46 -6.05 -12.85
CA ASP B 167 27.51 -6.41 -11.45
C ASP B 167 26.43 -7.37 -10.96
N ILE B 168 25.46 -7.69 -11.78
CA ILE B 168 24.34 -8.47 -11.32
C ILE B 168 24.17 -9.73 -12.09
N MET B 169 24.12 -10.83 -11.38
CA MET B 169 23.65 -12.07 -11.95
C MET B 169 22.17 -12.44 -11.67
N LEU B 170 21.46 -12.82 -12.69
CA LEU B 170 20.13 -13.29 -12.49
C LEU B 170 19.99 -14.80 -12.75
N ARG B 171 19.58 -15.51 -11.73
CA ARG B 171 19.33 -16.91 -11.86
C ARG B 171 17.88 -17.23 -11.78
N THR B 172 17.41 -17.94 -12.78
CA THR B 172 16.08 -18.48 -12.78
C THR B 172 16.15 -19.87 -12.25
N LEU B 173 15.54 -20.10 -11.09
CA LEU B 173 15.45 -21.38 -10.37
C LEU B 173 14.09 -22.02 -10.34
N LYS B 174 14.05 -23.33 -10.41
CA LYS B 174 12.83 -24.02 -10.09
C LYS B 174 13.12 -24.73 -8.80
N VAL B 175 12.18 -24.68 -7.88
CA VAL B 175 12.31 -25.41 -6.64
C VAL B 175 11.17 -26.37 -6.58
N THR B 176 11.52 -27.63 -6.58
CA THR B 176 10.57 -28.69 -6.49
C THR B 176 10.59 -29.21 -5.03
N PHE B 177 9.42 -29.25 -4.42
CA PHE B 177 9.24 -29.80 -3.11
C PHE B 177 7.92 -30.56 -3.07
N GLN B 178 7.97 -31.77 -2.57
CA GLN B 178 6.83 -32.67 -2.53
C GLN B 178 6.06 -32.65 -3.83
N LYS B 179 6.78 -32.86 -4.92
CA LYS B 179 6.29 -32.95 -6.28
C LYS B 179 5.67 -31.73 -6.90
N GLU B 180 5.70 -30.63 -6.18
CA GLU B 180 5.26 -29.38 -6.71
C GLU B 180 6.42 -28.42 -6.96
N SER B 181 6.37 -27.74 -8.09
CA SER B 181 7.41 -26.83 -8.49
C SER B 181 6.93 -25.39 -8.46
N ARG B 182 7.82 -24.52 -7.98
CA ARG B 182 7.69 -23.08 -8.05
C ARG B 182 8.87 -22.41 -8.71
N SER B 183 8.62 -21.29 -9.37
CA SER B 183 9.71 -20.50 -9.89
C SER B 183 10.22 -19.55 -8.82
N VAL B 184 11.54 -19.47 -8.71
CA VAL B 184 12.17 -18.49 -7.85
C VAL B 184 13.30 -17.83 -8.60
N TYR B 185 13.32 -16.49 -8.59
CA TYR B 185 14.36 -15.73 -9.24
C TYR B 185 15.32 -15.22 -8.19
N GLN B 186 16.61 -15.30 -8.49
CA GLN B 186 17.62 -14.84 -7.58
C GLN B 186 18.43 -13.78 -8.30
N LEU B 187 18.62 -12.66 -7.65
CA LEU B 187 19.47 -11.60 -8.14
C LEU B 187 20.69 -11.53 -7.22
N GLN B 188 21.88 -11.55 -7.79
CA GLN B 188 23.07 -11.46 -6.97
C GLN B 188 23.90 -10.28 -7.39
N TYR B 189 24.20 -9.40 -6.44
CA TYR B 189 25.05 -8.26 -6.75
C TYR B 189 26.45 -8.69 -6.39
N MET B 190 27.36 -8.57 -7.34
CA MET B 190 28.68 -9.18 -7.27
C MET B 190 29.76 -8.32 -6.63
N SER B 191 29.53 -7.04 -6.57
CA SER B 191 30.60 -6.12 -6.31
C SER B 191 30.34 -5.11 -5.21
N TRP B 192 29.59 -5.52 -4.23
CA TRP B 192 29.26 -4.73 -3.10
C TRP B 192 29.91 -5.23 -1.85
N PRO B 193 30.94 -4.42 -1.35
CA PRO B 193 31.58 -4.92 -0.13
C PRO B 193 30.85 -4.67 1.16
N ASP B 194 31.02 -5.53 2.14
CA ASP B 194 30.41 -5.28 3.42
C ASP B 194 31.01 -4.01 3.96
N ARG B 195 30.17 -3.25 4.67
CA ARG B 195 30.50 -1.96 5.27
C ARG B 195 30.57 -0.83 4.26
N GLY B 196 30.56 -1.21 2.99
CA GLY B 196 30.74 -0.29 1.92
C GLY B 196 29.56 -0.16 1.03
N VAL B 197 29.80 0.35 -0.15
CA VAL B 197 28.75 0.75 -1.06
C VAL B 197 29.08 0.36 -2.47
N PRO B 198 28.00 -0.01 -3.28
CA PRO B 198 28.38 -0.45 -4.62
C PRO B 198 29.27 0.49 -5.39
N SER B 200 28.30 0.08 -8.79
CA SER B 200 27.36 0.91 -9.51
C SER B 200 26.05 1.28 -8.80
N PRO B 201 26.00 2.59 -8.27
CA PRO B 201 24.66 2.98 -7.82
C PRO B 201 23.48 2.76 -8.82
N ASP B 202 23.77 2.92 -10.11
CA ASP B 202 22.82 2.73 -11.15
C ASP B 202 22.36 1.27 -11.18
N HIS B 203 23.33 0.35 -11.15
CA HIS B 203 23.05 -1.09 -11.19
C HIS B 203 22.17 -1.66 -10.03
N MET B 204 22.42 -1.19 -8.81
CA MET B 204 21.59 -1.46 -7.68
C MET B 204 20.16 -1.12 -7.97
N LEU B 205 19.95 0.06 -8.50
CA LEU B 205 18.63 0.51 -8.83
C LEU B 205 18.05 -0.42 -9.88
N ALA B 206 18.91 -0.85 -10.80
CA ALA B 206 18.45 -1.78 -11.83
C ALA B 206 18.08 -3.10 -11.20
N MET B 207 18.81 -3.47 -10.18
CA MET B 207 18.54 -4.65 -9.41
C MET B 207 17.16 -4.62 -8.80
N VAL B 208 16.86 -3.52 -8.11
CA VAL B 208 15.58 -3.26 -7.48
C VAL B 208 14.41 -3.24 -8.47
N GLU B 209 14.63 -2.66 -9.63
CA GLU B 209 13.62 -2.61 -10.67
C GLU B 209 13.25 -4.02 -11.17
N GLU B 210 14.27 -4.75 -11.60
CA GLU B 210 14.13 -6.13 -11.96
C GLU B 210 13.45 -6.96 -10.89
N ALA B 211 13.91 -6.87 -9.65
CA ALA B 211 13.24 -7.59 -8.54
C ALA B 211 11.75 -7.27 -8.51
N ARG B 212 11.38 -6.01 -8.49
CA ARG B 212 10.00 -5.59 -8.56
C ARG B 212 9.31 -6.10 -9.85
N ARG B 213 9.95 -6.09 -11.01
N ARG B 213 9.95 -6.09 -11.01
CA ARG B 213 9.33 -6.59 -12.23
CA ARG B 213 9.35 -6.59 -12.24
C ARG B 213 9.06 -8.09 -12.14
C ARG B 213 9.05 -8.08 -12.13
N LEU B 214 10.03 -8.84 -11.63
CA LEU B 214 9.87 -10.28 -11.45
C LEU B 214 8.84 -10.63 -10.37
N GLN B 215 8.72 -9.82 -9.34
CA GLN B 215 7.84 -10.13 -8.23
C GLN B 215 6.35 -10.05 -8.60
N GLY B 216 6.03 -9.18 -9.51
CA GLY B 216 4.67 -8.87 -9.90
C GLY B 216 3.80 -8.49 -8.73
N SER B 217 2.58 -8.98 -8.76
CA SER B 217 1.65 -8.70 -7.74
C SER B 217 1.87 -9.73 -6.71
N GLY B 218 1.21 -9.59 -5.60
CA GLY B 218 1.33 -10.53 -4.53
C GLY B 218 2.00 -9.98 -3.35
N PRO B 219 1.51 -10.47 -2.26
CA PRO B 219 1.82 -10.09 -0.88
C PRO B 219 3.06 -10.77 -0.35
N GLU B 220 3.60 -11.71 -1.11
CA GLU B 220 4.76 -12.47 -0.64
C GLU B 220 5.97 -11.57 -0.49
N PRO B 221 6.70 -11.74 0.62
CA PRO B 221 7.83 -10.86 0.89
C PRO B 221 8.97 -11.10 -0.09
N LEU B 222 9.79 -10.07 -0.31
CA LEU B 222 11.07 -10.27 -0.97
C LEU B 222 12.03 -10.85 0.05
N CYS B 223 12.95 -11.69 -0.40
CA CYS B 223 13.98 -12.23 0.47
C CYS B 223 15.27 -11.48 0.16
N VAL B 224 15.79 -10.79 1.16
CA VAL B 224 17.00 -9.99 0.98
C VAL B 224 18.08 -10.49 1.94
N HIS B 225 19.23 -10.88 1.42
CA HIS B 225 20.31 -11.30 2.31
C HIS B 225 21.65 -10.83 1.85
N SER B 226 22.57 -10.75 2.79
CA SER B 226 23.97 -10.50 2.48
C SER B 226 24.74 -11.63 3.16
N SER B 227 25.84 -11.32 3.82
CA SER B 227 26.59 -12.31 4.56
C SER B 227 26.00 -12.42 5.98
N ALA B 228 25.79 -11.28 6.62
CA ALA B 228 25.15 -11.30 7.92
C ALA B 228 23.68 -10.90 7.79
N GLY B 229 23.32 -10.25 6.69
CA GLY B 229 21.98 -9.73 6.54
C GLY B 229 21.72 -8.41 7.28
N CYS B 230 22.75 -7.56 7.37
CA CYS B 230 22.61 -6.25 8.01
C CYS B 230 22.83 -5.12 7.03
N GLY B 231 24.10 -4.72 6.87
CA GLY B 231 24.44 -3.52 6.14
C GLY B 231 23.86 -3.48 4.74
N ARG B 232 24.37 -4.36 3.88
CA ARG B 232 24.00 -4.37 2.48
C ARG B 232 22.52 -4.72 2.30
N THR B 233 22.03 -5.55 3.21
CA THR B 233 20.64 -5.99 3.19
C THR B 233 19.74 -4.79 3.44
N GLY B 234 20.05 -4.05 4.50
CA GLY B 234 19.28 -2.88 4.90
C GLY B 234 19.25 -1.83 3.83
N VAL B 235 20.41 -1.58 3.21
CA VAL B 235 20.46 -0.60 2.14
C VAL B 235 19.49 -0.99 1.03
N LEU B 236 19.54 -2.25 0.62
CA LEU B 236 18.64 -2.74 -0.40
C LEU B 236 17.17 -2.51 -0.01
N CYS B 237 16.79 -2.97 1.19
CA CYS B 237 15.42 -2.84 1.64
C CYS B 237 15.00 -1.38 1.71
N THR B 238 15.88 -0.54 2.23
CA THR B 238 15.59 0.88 2.35
C THR B 238 15.35 1.50 0.99
N VAL B 239 16.21 1.19 0.02
CA VAL B 239 16.05 1.62 -1.36
C VAL B 239 14.69 1.22 -1.98
N ASP B 240 14.34 -0.03 -1.88
CA ASP B 240 13.04 -0.51 -2.31
C ASP B 240 11.89 0.18 -1.61
N TYR B 241 11.98 0.35 -0.30
CA TYR B 241 11.03 1.09 0.49
C TYR B 241 10.73 2.46 -0.11
N VAL B 242 11.74 3.27 -0.17
CA VAL B 242 11.69 4.60 -0.68
C VAL B 242 11.21 4.63 -2.10
N ARG B 243 11.69 3.74 -2.93
CA ARG B 243 11.27 3.68 -4.29
C ARG B 243 9.79 3.45 -4.38
N GLN B 244 9.28 2.65 -3.49
CA GLN B 244 7.88 2.35 -3.44
C GLN B 244 7.04 3.51 -3.00
N LEU B 245 7.54 4.27 -2.06
CA LEU B 245 6.92 5.50 -1.62
C LEU B 245 6.84 6.37 -2.82
N LEU B 246 7.97 6.51 -3.48
CA LEU B 246 8.04 7.30 -4.68
C LEU B 246 6.95 6.94 -5.72
N LEU B 247 6.86 5.69 -6.13
CA LEU B 247 5.92 5.30 -7.18
C LEU B 247 4.50 5.48 -6.79
N THR B 248 4.21 5.31 -5.53
CA THR B 248 2.88 5.55 -5.00
C THR B 248 2.57 7.03 -4.77
N GLN B 249 3.60 7.86 -4.81
CA GLN B 249 3.46 9.29 -4.50
C GLN B 249 2.85 9.44 -3.10
N MET B 250 3.59 8.97 -2.11
CA MET B 250 3.21 9.08 -0.72
C MET B 250 4.37 9.62 0.05
N ILE B 251 5.25 10.33 -0.62
CA ILE B 251 6.28 11.01 0.10
C ILE B 251 5.52 12.00 0.92
N PRO B 252 5.68 11.88 2.31
CA PRO B 252 5.17 13.03 3.03
C PRO B 252 6.04 14.25 2.90
N PRO B 253 5.44 15.47 3.29
CA PRO B 253 6.32 16.65 3.03
C PRO B 253 7.48 16.91 4.05
N ASP B 254 7.48 16.24 5.17
CA ASP B 254 8.58 16.34 6.11
C ASP B 254 9.44 15.05 6.05
N PHE B 255 9.54 14.47 4.88
CA PHE B 255 10.11 13.17 4.69
C PHE B 255 11.49 13.05 5.18
N SER B 256 11.66 12.06 6.01
CA SER B 256 12.91 11.86 6.72
C SER B 256 13.58 10.48 6.48
N LEU B 257 14.80 10.50 5.97
CA LEU B 257 15.60 9.28 5.83
C LEU B 257 16.01 8.72 7.19
N PHE B 258 16.22 9.62 8.13
CA PHE B 258 16.47 9.30 9.53
C PHE B 258 15.40 8.36 10.16
N ASP B 259 14.16 8.66 9.92
CA ASP B 259 13.06 7.87 10.43
C ASP B 259 12.85 6.56 9.72
N VAL B 260 13.11 6.52 8.42
CA VAL B 260 13.04 5.28 7.66
C VAL B 260 14.13 4.29 8.18
N VAL B 261 15.37 4.73 8.18
CA VAL B 261 16.46 3.89 8.60
C VAL B 261 16.24 3.41 10.00
N LEU B 262 15.80 4.32 10.85
CA LEU B 262 15.50 4.07 12.23
C LEU B 262 14.47 2.96 12.43
N LYS B 263 13.42 2.98 11.64
CA LYS B 263 12.47 1.89 11.64
C LYS B 263 13.01 0.55 11.06
N MET B 264 13.90 0.60 10.10
CA MET B 264 14.61 -0.55 9.57
C MET B 264 15.37 -1.22 10.72
N ARG B 265 16.15 -0.40 11.38
CA ARG B 265 17.00 -0.79 12.47
C ARG B 265 16.24 -1.45 13.59
N LYS B 266 14.99 -1.14 13.69
CA LYS B 266 14.12 -1.58 14.77
C LYS B 266 13.75 -3.01 14.48
N GLN B 267 13.86 -3.39 13.21
CA GLN B 267 13.34 -4.69 12.78
C GLN B 267 14.43 -5.69 12.39
N ARG B 268 15.60 -5.20 12.04
CA ARG B 268 16.74 -6.07 11.75
C ARG B 268 17.95 -5.38 12.34
N PRO B 269 18.74 -6.09 13.11
CA PRO B 269 19.91 -5.46 13.67
C PRO B 269 20.81 -4.89 12.57
N ALA B 270 21.34 -3.73 12.85
CA ALA B 270 22.24 -3.03 11.95
C ALA B 270 21.77 -2.90 10.49
N ALA B 271 20.46 -2.84 10.24
CA ALA B 271 19.91 -2.74 8.90
C ALA B 271 20.73 -1.84 7.95
N VAL B 272 20.99 -0.63 8.36
CA VAL B 272 21.99 0.15 7.68
C VAL B 272 23.22 0.20 8.62
N GLN B 273 24.33 -0.39 8.22
CA GLN B 273 25.44 -0.66 9.13
C GLN B 273 26.45 0.47 9.38
N THR B 274 26.81 1.21 8.34
CA THR B 274 27.81 2.24 8.47
C THR B 274 27.35 3.61 7.99
N GLU B 275 28.04 4.62 8.51
CA GLU B 275 27.77 6.00 8.15
C GLU B 275 27.93 6.12 6.64
N GLU B 276 28.85 5.34 6.08
CA GLU B 276 29.15 5.47 4.67
C GLU B 276 27.99 4.92 3.85
N GLN B 277 27.33 3.90 4.38
CA GLN B 277 26.16 3.34 3.73
C GLN B 277 24.98 4.29 3.87
N TYR B 278 24.92 4.96 5.03
CA TYR B 278 23.89 5.95 5.31
C TYR B 278 23.95 7.11 4.31
N ARG B 279 25.15 7.63 4.11
CA ARG B 279 25.39 8.65 3.12
C ARG B 279 25.00 8.16 1.75
N PHE B 280 25.51 7.01 1.34
CA PHE B 280 25.17 6.46 0.05
C PHE B 280 23.67 6.41 -0.13
N LEU B 281 22.99 6.06 0.93
CA LEU B 281 21.58 5.94 0.90
C LEU B 281 20.90 7.22 0.54
N TYR B 282 21.27 8.30 1.21
CA TYR B 282 20.86 9.65 0.89
C TYR B 282 21.04 10.05 -0.55
N HIS B 283 22.18 9.72 -1.08
CA HIS B 283 22.53 10.09 -2.40
C HIS B 283 21.65 9.41 -3.40
N THR B 284 21.32 8.18 -3.12
CA THR B 284 20.49 7.36 -3.95
C THR B 284 19.06 7.89 -3.96
N VAL B 285 18.59 8.26 -2.79
CA VAL B 285 17.28 8.78 -2.55
C VAL B 285 17.15 10.07 -3.36
N ALA B 286 18.12 10.93 -3.25
CA ALA B 286 18.19 12.12 -4.08
C ALA B 286 18.10 11.84 -5.58
N GLN B 287 18.81 10.83 -6.05
CA GLN B 287 18.78 10.53 -7.44
C GLN B 287 17.37 10.11 -7.85
N MET B 288 16.76 9.31 -7.01
CA MET B 288 15.52 8.70 -7.33
C MET B 288 14.50 9.79 -7.48
N PHE B 289 14.60 10.83 -6.68
CA PHE B 289 13.65 11.90 -6.72
C PHE B 289 13.47 12.74 -7.95
N CYS B 290 14.24 12.47 -8.99
CA CYS B 290 13.86 12.95 -10.29
C CYS B 290 13.94 11.78 -11.24
N SER B 291 12.89 11.46 -11.99
CA SER B 291 11.50 11.28 -11.59
C SER B 291 10.60 12.48 -11.36
N THR B 292 11.15 13.66 -11.45
CA THR B 292 10.35 14.84 -11.38
C THR B 292 11.11 15.71 -12.35
N PRO C 1 34.58 -14.23 13.84
CA PRO C 1 33.19 -14.66 13.75
C PRO C 1 32.31 -13.55 14.28
N GLU C 2 32.84 -12.33 14.29
CA GLU C 2 32.05 -11.12 14.58
C GLU C 2 32.02 -10.28 13.32
N LEU C 4 30.21 -7.16 13.26
CA LEU C 4 30.02 -5.76 13.64
C LEU C 4 31.15 -5.09 14.45
N THR C 5 32.30 -5.73 14.55
CA THR C 5 33.28 -5.31 15.56
C THR C 5 34.19 -4.07 15.30
N PRO C 6 35.21 -4.20 14.43
CA PRO C 6 36.16 -3.08 14.35
C PRO C 6 35.92 -2.13 13.17
N PRO D 1 -39.37 9.38 -2.11
CA PRO D 1 -38.78 8.91 -3.35
C PRO D 1 -37.83 7.75 -3.11
N GLU D 2 -37.79 6.84 -4.07
CA GLU D 2 -36.81 5.77 -4.04
C GLU D 2 -35.76 6.09 -5.11
N LEU D 4 -33.77 3.61 -6.39
CA LEU D 4 -33.70 2.46 -7.29
C LEU D 4 -35.11 2.04 -7.77
N THR D 5 -35.30 1.95 -9.08
CA THR D 5 -36.56 1.49 -9.66
C THR D 5 -36.44 1.52 -11.18
#